data_2X1Z
#
_entry.id   2X1Z
#
_cell.length_a   68.580
_cell.length_b   81.990
_cell.length_c   75.240
_cell.angle_alpha   90.00
_cell.angle_beta   90.00
_cell.angle_gamma   90.00
#
_symmetry.space_group_name_H-M   'C 2 2 21'
#
loop_
_entity.id
_entity.type
_entity.pdbx_description
1 polymer 'PERIDININ-CHLOROPHYLL A-BINDING PROTEIN, CHLOROPLASTIC'
2 non-polymer PERIDININ
3 non-polymer 'CHLOROPHYLL D'
4 non-polymer 'DIGALACTOSYL DIACYL GLYCEROL (DGDG)'
5 non-polymer 'CHLORIDE ION'
6 non-polymer 'SODIUM ION'
7 non-polymer DI(HYDROXYETHYL)ETHER
8 non-polymer 'CADMIUM ION'
9 water water
#
_entity_poly.entity_id   1
_entity_poly.type   'polypeptide(L)'
_entity_poly.pdbx_seq_one_letter_code
;ADEIGDAAKKLGDASYAFAKEVDWNNGIFLQAPGKLQPLEALKAIDKMIVMGAAADPKLLKAAAEAHHKAIGSVSGPNGV
TSRADWDSVNAALGRVIASVPENMVMDVYDSVSKITDPKVPAYMKSLVNGADAEKAYEGFLAFKDVVKKSQ
;
_entity_poly.pdbx_strand_id   M
#
# COMPACT_ATOMS: atom_id res chain seq x y z
N ALA A 1 17.81 -0.49 -12.95
CA ALA A 1 17.67 -1.35 -11.75
C ALA A 1 18.13 -0.61 -10.53
N ASP A 2 17.55 -0.96 -9.36
CA ASP A 2 17.97 -0.24 -8.12
C ASP A 2 17.66 -1.09 -6.91
N GLU A 3 18.03 -0.58 -5.72
CA GLU A 3 17.91 -1.44 -4.53
C GLU A 3 16.49 -1.67 -4.13
N ILE A 4 15.65 -0.67 -4.36
CA ILE A 4 14.21 -0.88 -4.08
C ILE A 4 13.63 -1.99 -4.95
N GLY A 5 13.99 -2.03 -6.24
CA GLY A 5 13.59 -3.11 -7.09
C GLY A 5 14.02 -4.51 -6.56
N ASP A 6 15.26 -4.63 -6.13
CA ASP A 6 15.74 -5.87 -5.55
C ASP A 6 14.92 -6.22 -4.30
N ALA A 7 14.66 -5.18 -3.51
CA ALA A 7 13.88 -5.35 -2.24
C ALA A 7 12.43 -5.81 -2.52
N ALA A 8 11.85 -5.27 -3.60
CA ALA A 8 10.47 -5.61 -3.98
C ALA A 8 10.37 -7.09 -4.37
N LYS A 9 11.44 -7.65 -4.97
CA LYS A 9 11.42 -9.03 -5.31
C LYS A 9 11.38 -9.90 -4.00
N LYS A 10 12.18 -9.55 -2.99
CA LYS A 10 12.13 -10.26 -1.72
C LYS A 10 10.80 -10.07 -1.02
N LEU A 11 10.26 -8.87 -1.14
CA LEU A 11 8.92 -8.58 -0.55
C LEU A 11 7.85 -9.47 -1.22
N GLY A 12 7.99 -9.68 -2.54
CA GLY A 12 7.03 -10.51 -3.30
C GLY A 12 7.08 -11.99 -2.88
N ASP A 13 8.28 -12.50 -2.65
CA ASP A 13 8.41 -13.82 -2.05
C ASP A 13 7.69 -13.95 -0.70
N ALA A 14 7.73 -12.90 0.10
CA ALA A 14 7.15 -12.92 1.43
C ALA A 14 5.62 -12.67 1.40
N SER A 15 5.13 -11.92 0.40
CA SER A 15 3.76 -11.39 0.46
C SER A 15 2.80 -11.79 -0.65
N TYR A 16 3.26 -12.48 -1.71
CA TYR A 16 2.33 -12.75 -2.80
C TYR A 16 1.31 -13.82 -2.42
N ALA A 17 1.66 -14.76 -1.51
CA ALA A 17 0.65 -15.75 -1.04
C ALA A 17 -0.51 -15.04 -0.37
N PHE A 18 -0.16 -14.04 0.46
CA PHE A 18 -1.20 -13.19 1.09
C PHE A 18 -2.02 -12.45 0.03
N ALA A 19 -1.35 -11.86 -0.98
CA ALA A 19 -2.18 -11.07 -1.99
C ALA A 19 -3.16 -12.01 -2.72
N LYS A 20 -2.75 -13.25 -2.97
CA LYS A 20 -3.66 -14.22 -3.62
C LYS A 20 -4.86 -14.59 -2.77
N GLU A 21 -4.76 -14.42 -1.43
CA GLU A 21 -5.82 -14.80 -0.50
C GLU A 21 -6.82 -13.69 -0.29
N VAL A 22 -6.45 -12.40 -0.56
CA VAL A 22 -7.41 -11.32 -0.38
C VAL A 22 -8.41 -11.42 -1.51
N ASP A 23 -9.67 -11.18 -1.19
CA ASP A 23 -10.68 -11.09 -2.24
C ASP A 23 -10.77 -9.59 -2.65
N TRP A 24 -10.04 -9.21 -3.68
CA TRP A 24 -9.97 -7.81 -4.04
C TRP A 24 -11.29 -7.32 -4.60
N ASN A 25 -12.23 -8.23 -4.92
CA ASN A 25 -13.59 -7.90 -5.39
C ASN A 25 -14.61 -7.75 -4.31
N ASN A 26 -14.16 -7.85 -3.05
CA ASN A 26 -15.09 -7.62 -1.90
C ASN A 26 -15.47 -6.11 -1.86
N GLY A 27 -16.78 -5.82 -1.73
CA GLY A 27 -17.24 -4.42 -1.75
C GLY A 27 -16.91 -3.67 -0.46
N ILE A 28 -16.44 -4.38 0.56
CA ILE A 28 -16.12 -3.75 1.83
C ILE A 28 -15.13 -2.61 1.68
N PHE A 29 -14.26 -2.65 0.68
CA PHE A 29 -13.17 -1.68 0.62
C PHE A 29 -13.66 -0.30 0.23
N LEU A 30 -14.90 -0.24 -0.27
CA LEU A 30 -15.55 1.07 -0.50
C LEU A 30 -16.01 1.78 0.81
N GLN A 31 -16.25 1.02 1.87
N GLN A 31 -16.26 1.01 1.87
CA GLN A 31 -16.71 1.58 3.14
CA GLN A 31 -16.76 1.53 3.14
C GLN A 31 -15.60 2.27 3.90
C GLN A 31 -15.64 2.20 3.96
N ALA A 32 -16.00 3.21 4.75
CA ALA A 32 -15.06 3.83 5.67
C ALA A 32 -14.52 2.70 6.59
N PRO A 33 -13.25 2.77 6.98
CA PRO A 33 -12.71 1.67 7.83
C PRO A 33 -13.17 1.84 9.32
N GLY A 34 -14.49 1.77 9.57
CA GLY A 34 -15.05 2.14 10.90
C GLY A 34 -16.19 3.09 10.73
N LYS A 35 -16.22 4.13 11.54
CA LYS A 35 -17.29 5.09 11.47
C LYS A 35 -16.88 6.17 10.42
N LEU A 36 -17.80 6.54 9.54
N LEU A 36 -17.74 6.49 9.46
CA LEU A 36 -17.57 7.68 8.64
CA LEU A 36 -17.40 7.56 8.48
C LEU A 36 -17.34 8.97 9.43
C LEU A 36 -17.39 8.92 9.18
N GLN A 37 -16.24 9.65 9.14
CA GLN A 37 -15.96 10.87 9.91
C GLN A 37 -15.40 11.87 8.90
N PRO A 38 -16.28 12.54 8.15
CA PRO A 38 -15.79 13.36 7.01
C PRO A 38 -14.72 14.42 7.31
N LEU A 39 -14.84 15.16 8.43
N LEU A 39 -14.87 15.10 8.44
CA LEU A 39 -13.83 16.18 8.73
CA LEU A 39 -13.94 16.11 8.88
C LEU A 39 -12.48 15.53 9.04
C LEU A 39 -12.54 15.54 9.07
N GLU A 40 -12.46 14.42 9.77
CA GLU A 40 -11.19 13.76 10.06
C GLU A 40 -10.65 13.14 8.79
N ALA A 41 -11.56 12.56 8.01
CA ALA A 41 -11.08 11.94 6.79
C ALA A 41 -10.50 13.00 5.85
N LEU A 42 -11.16 14.16 5.76
CA LEU A 42 -10.60 15.20 4.88
C LEU A 42 -9.15 15.61 5.32
N LYS A 43 -8.93 15.59 6.65
N LYS A 43 -8.91 15.60 6.63
CA LYS A 43 -7.61 15.89 7.23
CA LYS A 43 -7.58 15.97 7.10
C LYS A 43 -6.59 14.91 6.67
C LYS A 43 -6.56 14.91 6.66
N ALA A 44 -6.99 13.65 6.63
CA ALA A 44 -6.13 12.55 6.11
C ALA A 44 -5.85 12.71 4.62
N ILE A 45 -6.91 13.05 3.86
CA ILE A 45 -6.76 13.15 2.42
C ILE A 45 -5.86 14.40 2.17
N ASP A 46 -5.99 15.45 3.00
CA ASP A 46 -5.13 16.62 2.85
C ASP A 46 -3.65 16.19 2.98
N LYS A 47 -3.34 15.36 3.99
CA LYS A 47 -1.95 14.86 4.14
C LYS A 47 -1.49 14.08 2.92
N MET A 48 -2.38 13.31 2.30
N MET A 48 -2.38 13.27 2.33
CA MET A 48 -2.01 12.55 1.07
CA MET A 48 -2.07 12.56 1.09
C MET A 48 -1.85 13.44 -0.15
C MET A 48 -1.76 13.54 -0.03
N ILE A 49 -2.68 14.50 -0.23
CA ILE A 49 -2.51 15.46 -1.30
C ILE A 49 -1.16 16.26 -1.22
N VAL A 50 -0.79 16.64 0.01
CA VAL A 50 0.48 17.31 0.28
C VAL A 50 1.65 16.40 -0.10
N MET A 51 1.49 15.14 0.24
CA MET A 51 2.50 14.16 -0.11
C MET A 51 2.61 13.92 -1.65
N GLY A 52 1.47 13.83 -2.33
CA GLY A 52 1.41 13.67 -3.79
C GLY A 52 2.04 14.87 -4.49
N ALA A 53 1.79 16.07 -3.98
CA ALA A 53 2.44 17.27 -4.52
C ALA A 53 3.97 17.30 -4.26
N ALA A 54 4.42 16.64 -3.20
CA ALA A 54 5.86 16.66 -2.91
C ALA A 54 6.60 15.57 -3.66
N ALA A 55 5.89 14.55 -4.12
CA ALA A 55 6.54 13.33 -4.63
C ALA A 55 7.17 13.62 -6.00
N ASP A 56 8.17 12.82 -6.37
CA ASP A 56 8.79 13.04 -7.68
C ASP A 56 7.76 12.74 -8.81
N PRO A 57 7.50 13.70 -9.70
CA PRO A 57 6.41 13.50 -10.70
C PRO A 57 6.67 12.39 -11.70
N LYS A 58 7.92 12.17 -12.07
CA LYS A 58 8.27 11.03 -12.90
C LYS A 58 8.00 9.66 -12.21
N LEU A 59 8.29 9.59 -10.92
CA LEU A 59 8.02 8.36 -10.18
C LEU A 59 6.54 8.16 -9.94
N LEU A 60 5.76 9.25 -9.73
CA LEU A 60 4.29 9.10 -9.71
C LEU A 60 3.79 8.57 -11.01
N LYS A 61 4.28 9.11 -12.14
CA LYS A 61 3.87 8.60 -13.44
C LYS A 61 4.18 7.11 -13.61
N ALA A 62 5.39 6.71 -13.19
CA ALA A 62 5.79 5.31 -13.36
C ALA A 62 4.88 4.41 -12.49
N ALA A 63 4.50 4.92 -11.30
CA ALA A 63 3.67 4.11 -10.39
C ALA A 63 2.23 3.95 -10.95
N ALA A 64 1.71 4.99 -11.57
CA ALA A 64 0.43 4.87 -12.28
C ALA A 64 0.52 3.85 -13.41
N GLU A 65 1.56 3.96 -14.25
N GLU A 65 1.56 3.96 -14.24
CA GLU A 65 1.75 3.01 -15.33
CA GLU A 65 1.75 3.01 -15.33
C GLU A 65 1.84 1.55 -14.82
C GLU A 65 1.83 1.55 -14.81
N ALA A 66 2.52 1.36 -13.68
CA ALA A 66 2.64 0.00 -13.13
C ALA A 66 1.25 -0.53 -12.75
N HIS A 67 0.39 0.34 -12.20
CA HIS A 67 -0.95 -0.11 -11.88
C HIS A 67 -1.79 -0.42 -13.10
N HIS A 68 -1.61 0.36 -14.17
CA HIS A 68 -2.39 0.04 -15.39
C HIS A 68 -1.95 -1.36 -15.92
N LYS A 69 -0.65 -1.65 -15.92
CA LYS A 69 -0.19 -2.97 -16.36
C LYS A 69 -0.72 -4.07 -15.42
N ALA A 70 -0.70 -3.80 -14.12
CA ALA A 70 -1.20 -4.79 -13.14
C ALA A 70 -2.67 -5.10 -13.35
N ILE A 71 -3.49 -4.08 -13.64
CA ILE A 71 -4.92 -4.32 -13.93
C ILE A 71 -5.04 -5.30 -15.12
N GLY A 72 -4.13 -5.20 -16.08
CA GLY A 72 -4.23 -6.06 -17.26
C GLY A 72 -3.95 -7.54 -17.00
N SER A 73 -3.28 -7.87 -15.91
CA SER A 73 -2.96 -9.25 -15.66
C SER A 73 -3.78 -9.86 -14.51
N VAL A 74 -4.87 -9.21 -14.10
CA VAL A 74 -5.74 -9.76 -13.07
C VAL A 74 -6.28 -11.11 -13.53
N SER A 75 -6.23 -12.13 -12.67
CA SER A 75 -6.85 -13.42 -13.01
C SER A 75 -7.35 -14.17 -11.79
N GLY A 76 -8.17 -15.18 -12.06
CA GLY A 76 -8.67 -15.99 -10.94
C GLY A 76 -9.84 -15.37 -10.22
N PRO A 77 -10.34 -16.09 -9.21
CA PRO A 77 -11.60 -15.69 -8.65
C PRO A 77 -11.51 -14.54 -7.64
N ASN A 78 -10.29 -14.15 -7.23
CA ASN A 78 -10.10 -13.05 -6.23
C ASN A 78 -9.64 -11.76 -6.82
N GLY A 79 -9.46 -11.72 -8.16
CA GLY A 79 -8.95 -10.47 -8.76
C GLY A 79 -7.50 -10.11 -8.47
N VAL A 80 -6.63 -11.11 -8.26
CA VAL A 80 -5.21 -10.85 -7.99
C VAL A 80 -4.43 -10.69 -9.31
N THR A 81 -3.61 -9.65 -9.36
CA THR A 81 -2.64 -9.44 -10.43
C THR A 81 -1.52 -10.49 -10.40
N SER A 82 -0.72 -10.49 -11.47
CA SER A 82 0.43 -11.44 -11.55
C SER A 82 1.48 -11.18 -10.51
N ARG A 83 2.24 -12.26 -10.19
CA ARG A 83 3.38 -12.04 -9.32
C ARG A 83 4.31 -10.94 -9.81
N ALA A 84 4.61 -10.91 -11.10
CA ALA A 84 5.51 -9.92 -11.62
C ALA A 84 4.96 -8.53 -11.42
N ASP A 85 3.68 -8.38 -11.71
CA ASP A 85 3.08 -7.04 -11.57
C ASP A 85 2.88 -6.59 -10.12
N TRP A 86 2.62 -7.55 -9.24
CA TRP A 86 2.71 -7.24 -7.82
C TRP A 86 4.05 -6.64 -7.40
N ASP A 87 5.17 -7.28 -7.75
CA ASP A 87 6.48 -6.71 -7.48
C ASP A 87 6.72 -5.36 -8.15
N SER A 88 6.23 -5.23 -9.37
N SER A 88 6.25 -5.17 -9.38
CA SER A 88 6.41 -4.00 -10.10
CA SER A 88 6.50 -3.88 -10.09
C SER A 88 5.78 -2.81 -9.34
C SER A 88 5.72 -2.72 -9.42
N VAL A 89 4.52 -3.04 -8.96
CA VAL A 89 3.69 -2.04 -8.19
C VAL A 89 4.40 -1.70 -6.89
N ASN A 90 4.83 -2.75 -6.16
CA ASN A 90 5.50 -2.45 -4.88
C ASN A 90 6.77 -1.65 -5.00
N ALA A 91 7.61 -2.01 -5.97
CA ALA A 91 8.80 -1.22 -6.24
C ALA A 91 8.49 0.20 -6.64
N ALA A 92 7.52 0.37 -7.53
CA ALA A 92 7.23 1.73 -7.98
C ALA A 92 6.73 2.55 -6.78
N LEU A 93 5.91 1.93 -5.90
CA LEU A 93 5.36 2.67 -4.74
C LEU A 93 6.51 2.95 -3.75
N GLY A 94 7.37 1.96 -3.51
CA GLY A 94 8.58 2.22 -2.70
C GLY A 94 9.38 3.44 -3.18
N ARG A 95 9.55 3.56 -4.50
CA ARG A 95 10.27 4.71 -5.04
C ARG A 95 9.57 6.04 -4.77
N VAL A 96 8.26 6.03 -4.93
CA VAL A 96 7.51 7.25 -4.57
C VAL A 96 7.71 7.63 -3.10
N ILE A 97 7.56 6.65 -2.22
CA ILE A 97 7.65 6.90 -0.78
C ILE A 97 9.05 7.46 -0.47
N ALA A 98 10.07 6.92 -1.14
CA ALA A 98 11.46 7.36 -0.90
C ALA A 98 11.66 8.79 -1.43
N SER A 99 10.81 9.27 -2.31
CA SER A 99 11.00 10.61 -2.83
C SER A 99 10.45 11.73 -1.97
N VAL A 100 9.76 11.41 -0.87
CA VAL A 100 9.21 12.49 -0.05
C VAL A 100 9.85 12.43 1.34
N PRO A 101 9.92 13.58 2.00
CA PRO A 101 10.40 13.61 3.39
C PRO A 101 9.64 12.62 4.27
N GLU A 102 10.37 11.91 5.10
CA GLU A 102 9.77 10.92 6.03
C GLU A 102 8.58 11.52 6.87
N ASN A 103 8.65 12.81 7.28
N ASN A 103 8.66 12.80 7.26
CA ASN A 103 7.54 13.36 8.10
CA ASN A 103 7.58 13.32 8.10
C ASN A 103 6.23 13.31 7.34
C ASN A 103 6.24 13.41 7.35
N MET A 104 6.29 13.58 6.04
CA MET A 104 5.06 13.63 5.24
C MET A 104 4.47 12.23 5.17
N VAL A 105 5.32 11.21 5.11
CA VAL A 105 4.80 9.84 5.06
C VAL A 105 4.14 9.50 6.40
N MET A 106 4.83 9.85 7.48
CA MET A 106 4.31 9.56 8.81
C MET A 106 2.98 10.34 9.04
N ASP A 107 2.86 11.58 8.55
CA ASP A 107 1.62 12.37 8.73
C ASP A 107 0.47 11.63 8.08
N VAL A 108 0.69 10.99 6.92
CA VAL A 108 -0.42 10.19 6.31
C VAL A 108 -0.84 9.02 7.22
N TYR A 109 0.15 8.28 7.64
CA TYR A 109 -0.11 7.08 8.44
C TYR A 109 -0.86 7.40 9.75
N ASP A 110 -0.44 8.47 10.41
CA ASP A 110 -1.06 8.92 11.69
C ASP A 110 -2.49 9.42 11.45
N SER A 111 -2.68 10.11 10.32
N SER A 111 -2.69 10.11 10.33
CA SER A 111 -4.01 10.70 10.04
CA SER A 111 -4.03 10.70 10.07
C SER A 111 -5.02 9.66 9.59
C SER A 111 -5.01 9.60 9.67
N VAL A 112 -4.53 8.59 8.95
CA VAL A 112 -5.42 7.47 8.55
C VAL A 112 -5.71 6.63 9.77
N SER A 113 -4.66 6.42 10.58
CA SER A 113 -4.88 5.65 11.82
C SER A 113 -6.04 6.27 12.64
N LYS A 114 -6.08 7.60 12.70
CA LYS A 114 -7.10 8.27 13.50
C LYS A 114 -8.53 7.90 13.08
N ILE A 115 -8.73 7.55 11.80
CA ILE A 115 -10.10 7.22 11.38
C ILE A 115 -10.34 5.70 11.23
N THR A 116 -9.34 4.87 11.55
CA THR A 116 -9.47 3.45 11.32
C THR A 116 -9.83 2.81 12.65
N ASP A 117 -10.97 2.12 12.64
CA ASP A 117 -11.41 1.39 13.87
C ASP A 117 -10.39 0.33 14.25
N PRO A 118 -10.05 0.19 15.55
CA PRO A 118 -9.08 -0.82 15.98
C PRO A 118 -9.45 -2.26 15.63
N LYS A 119 -10.73 -2.57 15.31
CA LYS A 119 -11.09 -3.92 14.88
C LYS A 119 -10.73 -4.21 13.39
N VAL A 120 -10.44 -3.17 12.59
CA VAL A 120 -10.34 -3.39 11.13
C VAL A 120 -9.14 -4.30 10.75
N PRO A 121 -7.94 -4.09 11.32
CA PRO A 121 -6.84 -4.98 10.93
C PRO A 121 -7.16 -6.46 11.21
N ALA A 122 -7.66 -6.75 12.41
CA ALA A 122 -8.00 -8.16 12.74
C ALA A 122 -9.10 -8.70 11.85
N TYR A 123 -10.10 -7.87 11.53
CA TYR A 123 -11.14 -8.33 10.62
C TYR A 123 -10.53 -8.73 9.25
N MET A 124 -9.69 -7.86 8.68
CA MET A 124 -9.06 -8.16 7.36
C MET A 124 -8.20 -9.39 7.48
N LYS A 125 -7.43 -9.54 8.57
CA LYS A 125 -6.53 -10.70 8.70
C LYS A 125 -7.32 -11.98 8.79
N SER A 126 -8.51 -11.86 9.38
CA SER A 126 -9.36 -13.04 9.55
C SER A 126 -9.85 -13.61 8.24
N LEU A 127 -9.78 -12.83 7.17
CA LEU A 127 -10.27 -13.27 5.85
C LEU A 127 -9.21 -14.04 5.06
N VAL A 128 -7.97 -14.02 5.55
CA VAL A 128 -6.84 -14.68 4.85
C VAL A 128 -6.17 -15.66 5.80
N ASN A 129 -5.10 -16.31 5.31
CA ASN A 129 -4.28 -17.20 6.15
C ASN A 129 -3.43 -16.30 7.05
N GLY A 130 -3.65 -16.41 8.38
CA GLY A 130 -2.99 -15.47 9.32
C GLY A 130 -1.46 -15.58 9.21
N ALA A 131 -0.95 -16.81 9.00
CA ALA A 131 0.50 -16.97 8.92
C ALA A 131 1.02 -16.24 7.65
N ASP A 132 0.28 -16.34 6.55
CA ASP A 132 0.70 -15.63 5.32
C ASP A 132 0.61 -14.11 5.52
N ALA A 133 -0.37 -13.64 6.29
CA ALA A 133 -0.42 -12.17 6.56
C ALA A 133 0.80 -11.77 7.38
N GLU A 134 1.14 -12.59 8.38
CA GLU A 134 2.32 -12.24 9.18
C GLU A 134 3.64 -12.25 8.38
N LYS A 135 3.78 -13.24 7.50
N LYS A 135 3.84 -13.23 7.49
CA LYS A 135 4.89 -13.35 6.54
CA LYS A 135 5.03 -13.23 6.63
C LYS A 135 5.00 -12.11 5.64
C LYS A 135 5.02 -11.99 5.70
N ALA A 136 3.84 -11.61 5.18
CA ALA A 136 3.75 -10.45 4.28
C ALA A 136 4.20 -9.19 5.07
N TYR A 137 3.72 -9.07 6.31
CA TYR A 137 4.12 -7.94 7.16
C TYR A 137 5.59 -7.95 7.53
N GLU A 138 6.13 -9.11 7.88
CA GLU A 138 7.56 -9.12 8.12
C GLU A 138 8.30 -8.74 6.82
N GLY A 139 7.77 -9.16 5.67
CA GLY A 139 8.35 -8.75 4.34
C GLY A 139 8.35 -7.24 4.23
N PHE A 140 7.20 -6.63 4.51
CA PHE A 140 7.07 -5.18 4.48
C PHE A 140 8.12 -4.47 5.36
N LEU A 141 8.30 -4.97 6.59
CA LEU A 141 9.28 -4.34 7.49
C LEU A 141 10.66 -4.38 6.86
N ALA A 142 11.01 -5.50 6.25
CA ALA A 142 12.33 -5.53 5.56
C ALA A 142 12.41 -4.56 4.37
N PHE A 143 11.33 -4.46 3.62
CA PHE A 143 11.28 -3.63 2.40
C PHE A 143 11.41 -2.18 2.81
N LYS A 144 10.72 -1.75 3.86
CA LYS A 144 10.75 -0.35 4.20
C LYS A 144 12.10 0.10 4.73
N ASP A 145 12.87 -0.85 5.28
CA ASP A 145 14.26 -0.50 5.61
C ASP A 145 15.12 -0.13 4.38
N VAL A 146 14.93 -0.80 3.23
CA VAL A 146 15.61 -0.43 1.97
C VAL A 146 15.06 0.88 1.43
N VAL A 147 13.71 1.03 1.47
CA VAL A 147 13.11 2.30 1.11
C VAL A 147 13.71 3.50 1.93
N LYS A 148 13.83 3.36 3.24
CA LYS A 148 14.31 4.46 4.07
C LYS A 148 15.75 4.80 3.71
N LYS A 149 16.53 3.83 3.30
CA LYS A 149 17.95 4.06 2.95
C LYS A 149 18.15 4.76 1.61
N SER A 150 17.10 4.76 0.77
CA SER A 150 17.04 5.54 -0.48
C SER A 150 16.40 6.92 -0.29
N GLN A 151 15.96 7.22 0.92
CA GLN A 151 15.01 8.33 1.12
C GLN A 151 15.75 9.55 1.61
#